data_1E6Q
#
_entry.id   1E6Q
#
_cell.length_a   135.300
_cell.length_b   137.200
_cell.length_c   80.600
_cell.angle_alpha   90.00
_cell.angle_beta   90.00
_cell.angle_gamma   90.00
#
_symmetry.space_group_name_H-M   'C 2 2 21'
#
loop_
_entity.id
_entity.type
_entity.pdbx_description
1 polymer 'MYROSINASE MA1'
2 branched 2-acetamido-2-deoxy-beta-D-glucopyranose-(1-4)-2-acetamido-2-deoxy-beta-D-glucopyranose
3 branched beta-D-xylopyranose-(1-2)-beta-D-mannopyranose-(1-4)-2-acetamido-2-deoxy-beta-D-glucopyranose-(1-4)-[alpha-L-fucopyranose-(1-3)]2-acetamido-2-deoxy-beta-D-glucopyranose
4 branched beta-D-xylopyranose-(1-2)-[alpha-D-mannopyranose-(1-3)][alpha-D-mannopyranose-(1-6)]beta-D-mannopyranose-(1-4)-2-acetamido-2-deoxy-beta-D-glucopyranose-(1-4)-[alpha-L-fucopyranose-(1-3)]2-acetamido-2-deoxy-beta-D-glucopyranose
5 non-polymer 2-acetamido-2-deoxy-beta-D-glucopyranose
6 non-polymer 'NOJIRIMYCINE TETRAZOLE'
7 non-polymer GLYCEROL
8 non-polymer 'SULFATE ION'
9 non-polymer 'ZINC ION'
10 water water
#
_entity_poly.entity_id   1
_entity_poly.type   'polypeptide(L)'
_entity_poly.pdbx_seq_one_letter_code
;DEEITCQENLPFTCGNTDALNSSSFSSDFIFGVASSAYQIEGTIGRGLNIWDGFTHRYPNKSGPDHGNGDTTCDSFSYWQ
KDIDVLDELNATGYRFSIAWSRIIPRGKRSRGVNEKGIDYYHGLISGLIKKGITPFVTLFHWDLPQTLQDEYEGFLDPQI
IDDFKDYADLCFEEFGDSVKYWLTINQLYSVPTRGYGSALDAPGRCSPTVDPSCYAGNSSTEPYIVAHHQLLAHAKVVDL
YRKNYTHQGGKIGPTMITRWFLPYNDTDRHSIAATERMKEFFLGWFMGPLTNGTYPQIMIDTVGERLPSFSPEESNLVKG
SYDFLGLNYYFTQYAQPSPNPVNSTNHTAMMDAGAKLTYINASGHYIGPLFEKDKADSTDNIYYYPKGIYSVMDYFKNKY
YNPLIYVTENGISTPGDENRNQSMLDYTRIDYLCSHLCFLNKVIKEKDVNVKGYLAWALGDNYEFNKGFTVRFGLSYIDW
NNVTDRDLKKSGQWYQSFISP
;
_entity_poly.pdbx_strand_id   M
#
# COMPACT_ATOMS: atom_id res chain seq x y z
N GLU A 3 -0.28 -13.07 -29.54
CA GLU A 3 -1.48 -12.87 -28.69
C GLU A 3 -1.26 -13.57 -27.36
N ILE A 4 -1.50 -12.81 -26.31
CA ILE A 4 -1.33 -13.31 -24.94
C ILE A 4 -2.64 -13.75 -24.33
N THR A 5 -2.60 -14.96 -23.79
CA THR A 5 -3.73 -15.56 -23.06
C THR A 5 -3.29 -15.75 -21.60
N CYS A 6 -4.07 -15.27 -20.68
CA CYS A 6 -3.80 -15.45 -19.27
C CYS A 6 -4.97 -16.14 -18.60
N GLN A 7 -4.65 -16.98 -17.63
CA GLN A 7 -5.63 -17.73 -16.86
C GLN A 7 -6.23 -16.90 -15.73
N GLU A 8 -7.51 -17.13 -15.50
CA GLU A 8 -8.23 -16.49 -14.45
C GLU A 8 -8.58 -17.41 -13.29
N ASN A 9 -8.52 -18.73 -13.54
CA ASN A 9 -8.95 -19.70 -12.55
C ASN A 9 -7.94 -20.82 -12.36
N LEU A 10 -7.95 -21.42 -11.18
CA LEU A 10 -7.09 -22.61 -11.02
C LEU A 10 -7.50 -23.72 -11.99
N PRO A 11 -6.53 -24.52 -12.45
CA PRO A 11 -5.13 -24.40 -12.15
C PRO A 11 -4.47 -23.37 -13.03
N PHE A 12 -3.39 -22.82 -12.53
CA PHE A 12 -2.57 -21.91 -13.30
C PHE A 12 -1.36 -22.68 -13.81
N THR A 13 -0.85 -22.23 -14.93
CA THR A 13 0.35 -22.82 -15.52
C THR A 13 1.45 -21.81 -15.76
N CYS A 14 1.22 -20.59 -15.20
CA CYS A 14 2.19 -19.53 -15.42
C CYS A 14 3.41 -19.59 -14.56
N GLY A 15 3.58 -20.63 -13.76
CA GLY A 15 4.78 -20.81 -13.00
C GLY A 15 5.91 -21.45 -13.78
N ASN A 16 5.65 -21.74 -15.06
CA ASN A 16 6.66 -22.32 -15.91
C ASN A 16 7.39 -21.18 -16.56
N THR A 17 8.64 -20.95 -16.24
CA THR A 17 9.38 -19.80 -16.77
C THR A 17 9.76 -19.90 -18.22
N ASP A 18 9.44 -21.06 -18.82
CA ASP A 18 9.51 -21.21 -20.25
C ASP A 18 8.40 -20.41 -20.94
N ALA A 19 7.31 -20.15 -20.26
CA ALA A 19 6.13 -19.52 -20.79
C ALA A 19 5.97 -18.07 -20.31
N LEU A 20 6.54 -17.72 -19.17
CA LEU A 20 6.42 -16.36 -18.65
C LEU A 20 7.67 -16.09 -17.85
N ASN A 21 8.37 -15.00 -18.21
CA ASN A 21 9.58 -14.65 -17.49
C ASN A 21 9.88 -13.17 -17.68
N SER A 22 10.94 -12.66 -17.12
CA SER A 22 11.21 -11.22 -17.21
C SER A 22 11.42 -10.79 -18.67
N SER A 23 11.90 -11.69 -19.53
CA SER A 23 12.15 -11.35 -20.93
C SER A 23 10.89 -11.17 -21.72
N SER A 24 9.76 -11.54 -21.08
CA SER A 24 8.47 -11.29 -21.65
C SER A 24 8.15 -9.78 -21.64
N PHE A 25 8.79 -9.03 -20.72
CA PHE A 25 8.61 -7.61 -20.52
C PHE A 25 9.72 -6.83 -21.20
N SER A 26 9.61 -5.49 -21.27
CA SER A 26 10.66 -4.67 -21.85
C SER A 26 11.96 -4.83 -21.09
N SER A 27 13.11 -4.59 -21.79
CA SER A 27 14.39 -4.82 -21.11
C SER A 27 14.60 -3.94 -19.88
N ASP A 28 14.09 -2.77 -19.86
CA ASP A 28 14.31 -1.82 -18.77
C ASP A 28 13.37 -2.04 -17.57
N PHE A 29 12.49 -3.04 -17.67
CA PHE A 29 11.44 -3.19 -16.68
C PHE A 29 12.07 -3.60 -15.34
N ILE A 30 11.65 -3.01 -14.25
CA ILE A 30 12.19 -3.28 -12.94
C ILE A 30 11.37 -4.37 -12.25
N PHE A 31 12.09 -5.36 -11.68
CA PHE A 31 11.44 -6.39 -10.89
C PHE A 31 12.05 -6.43 -9.47
N GLY A 32 11.17 -6.49 -8.48
CA GLY A 32 11.72 -6.66 -7.14
C GLY A 32 10.62 -7.01 -6.18
N VAL A 33 10.83 -6.54 -4.95
CA VAL A 33 9.97 -6.79 -3.82
C VAL A 33 9.88 -5.54 -2.95
N ALA A 34 8.96 -5.56 -2.02
CA ALA A 34 8.64 -4.40 -1.18
C ALA A 34 8.56 -4.78 0.27
N SER A 35 8.67 -3.74 1.11
CA SER A 35 8.56 -3.88 2.56
C SER A 35 8.10 -2.52 3.13
N SER A 36 7.90 -2.50 4.44
CA SER A 36 7.70 -1.22 5.11
C SER A 36 8.38 -1.24 6.46
N ALA A 37 8.73 -0.08 6.98
CA ALA A 37 9.60 0.03 8.14
C ALA A 37 8.98 -0.50 9.41
N TYR A 38 7.74 -0.19 9.71
CA TYR A 38 7.16 -0.71 10.93
C TYR A 38 7.16 -2.19 10.91
N GLN A 39 6.91 -2.78 9.72
CA GLN A 39 6.72 -4.20 9.57
C GLN A 39 7.98 -4.99 9.70
N ILE A 40 9.13 -4.39 9.40
CA ILE A 40 10.37 -5.14 9.39
C ILE A 40 11.46 -4.69 10.33
N GLU A 41 11.53 -3.42 10.80
CA GLU A 41 12.79 -3.01 11.40
C GLU A 41 12.93 -3.39 12.87
N GLY A 42 11.86 -3.17 13.64
CA GLY A 42 11.93 -3.21 15.09
C GLY A 42 12.06 -1.79 15.63
N THR A 43 11.76 -1.62 16.92
CA THR A 43 11.81 -0.36 17.58
C THR A 43 13.19 0.08 17.99
N ILE A 44 14.16 -0.83 18.04
CA ILE A 44 15.52 -0.45 18.46
C ILE A 44 15.98 0.70 17.59
N GLY A 45 16.52 1.72 18.27
CA GLY A 45 17.09 2.83 17.58
C GLY A 45 16.16 3.91 17.04
N ARG A 46 14.89 3.82 17.32
CA ARG A 46 13.95 4.82 16.86
C ARG A 46 13.01 5.22 17.98
N GLY A 47 12.37 6.38 17.78
CA GLY A 47 11.27 6.79 18.63
C GLY A 47 10.03 5.95 18.38
N LEU A 48 8.98 6.35 19.11
CA LEU A 48 7.73 5.64 19.04
C LEU A 48 6.77 6.32 18.10
N ASN A 49 6.01 5.52 17.39
CA ASN A 49 5.04 5.98 16.40
C ASN A 49 3.63 5.46 16.69
N ILE A 50 2.65 5.85 15.90
CA ILE A 50 1.28 5.50 16.25
C ILE A 50 1.00 4.02 15.97
N TRP A 51 1.82 3.30 15.22
CA TRP A 51 1.62 1.85 15.14
C TRP A 51 2.17 1.20 16.42
N ASP A 52 3.25 1.69 17.01
CA ASP A 52 3.57 1.26 18.35
C ASP A 52 2.42 1.57 19.28
N GLY A 53 1.94 2.82 19.24
CA GLY A 53 0.91 3.21 20.20
C GLY A 53 -0.35 2.41 20.07
N PHE A 54 -0.80 2.22 18.85
CA PHE A 54 -2.04 1.52 18.58
C PHE A 54 -1.93 0.05 18.95
N THR A 55 -0.84 -0.62 18.53
CA THR A 55 -0.71 -2.02 18.84
C THR A 55 -0.55 -2.30 20.32
N HIS A 56 -0.07 -1.33 21.09
CA HIS A 56 0.13 -1.48 22.51
C HIS A 56 -1.12 -1.11 23.31
N ARG A 57 -1.84 -0.08 22.85
CA ARG A 57 -3.05 0.35 23.55
C ARG A 57 -4.23 -0.56 23.24
N TYR A 58 -4.25 -1.12 22.04
CA TYR A 58 -5.36 -1.96 21.54
C TYR A 58 -4.77 -3.27 21.02
N PRO A 59 -4.24 -4.12 21.91
CA PRO A 59 -3.53 -5.30 21.44
C PRO A 59 -4.39 -6.23 20.63
N ASN A 60 -5.69 -6.32 20.92
CA ASN A 60 -6.49 -7.22 20.11
C ASN A 60 -6.73 -6.70 18.73
N LYS A 61 -6.38 -5.45 18.40
CA LYS A 61 -6.43 -4.94 17.03
C LYS A 61 -5.07 -5.06 16.36
N SER A 62 -4.01 -5.36 17.07
CA SER A 62 -2.72 -5.56 16.44
C SER A 62 -2.69 -6.84 15.64
N GLY A 63 -3.38 -7.87 16.11
CA GLY A 63 -3.45 -9.19 15.48
C GLY A 63 -4.06 -10.14 16.46
N PRO A 64 -4.49 -11.31 16.02
CA PRO A 64 -5.08 -12.32 16.93
C PRO A 64 -4.08 -12.75 17.97
N ASP A 65 -2.81 -12.77 17.64
CA ASP A 65 -1.71 -13.14 18.53
C ASP A 65 -1.19 -11.99 19.37
N HIS A 66 -1.81 -10.82 19.17
CA HIS A 66 -1.37 -9.59 19.84
C HIS A 66 0.06 -9.20 19.45
N GLY A 67 0.50 -9.69 18.29
CA GLY A 67 1.82 -9.43 17.82
C GLY A 67 1.99 -7.99 17.38
N ASN A 68 3.24 -7.52 17.36
CA ASN A 68 3.49 -6.13 16.98
C ASN A 68 4.84 -6.08 16.33
N GLY A 69 5.25 -4.86 15.96
CA GLY A 69 6.48 -4.58 15.31
C GLY A 69 7.67 -4.31 16.22
N ASP A 70 7.58 -4.74 17.49
CA ASP A 70 8.68 -4.42 18.41
C ASP A 70 10.02 -4.96 17.94
N THR A 71 10.02 -6.21 17.52
CA THR A 71 11.28 -6.81 17.05
C THR A 71 11.14 -7.34 15.65
N THR A 72 10.00 -7.99 15.34
CA THR A 72 9.70 -8.46 13.99
C THR A 72 10.92 -9.16 13.44
N CYS A 73 11.23 -8.97 12.14
CA CYS A 73 12.34 -9.66 11.51
C CYS A 73 13.64 -8.93 11.72
N ASP A 74 13.67 -7.87 12.55
CA ASP A 74 14.91 -7.21 12.95
C ASP A 74 15.72 -6.81 11.74
N SER A 75 15.10 -6.13 10.76
CA SER A 75 15.84 -5.55 9.67
C SER A 75 16.68 -4.38 10.12
N PHE A 76 16.48 -3.84 11.33
CA PHE A 76 17.47 -2.90 11.85
C PHE A 76 18.83 -3.62 11.89
N SER A 77 18.87 -4.83 12.48
CA SER A 77 20.13 -5.54 12.60
C SER A 77 20.54 -6.23 11.31
N TYR A 78 19.56 -6.76 10.61
CA TYR A 78 19.78 -7.69 9.52
C TYR A 78 19.48 -7.14 8.17
N TRP A 79 19.62 -5.80 8.03
CA TRP A 79 19.41 -5.17 6.70
C TRP A 79 20.28 -5.80 5.63
N GLN A 80 21.49 -6.24 5.99
CA GLN A 80 22.32 -6.84 4.97
C GLN A 80 21.73 -8.15 4.45
N LYS A 81 21.04 -8.88 5.34
CA LYS A 81 20.40 -10.11 4.93
C LYS A 81 19.24 -9.81 3.99
N ASP A 82 18.60 -8.65 4.13
CA ASP A 82 17.58 -8.25 3.17
C ASP A 82 18.21 -7.99 1.77
N ILE A 83 19.33 -7.26 1.77
CA ILE A 83 20.08 -7.07 0.55
C ILE A 83 20.46 -8.42 -0.09
N ASP A 84 20.89 -9.35 0.77
CA ASP A 84 21.32 -10.66 0.24
C ASP A 84 20.13 -11.34 -0.43
N VAL A 85 18.90 -11.27 0.07
CA VAL A 85 17.74 -11.85 -0.60
C VAL A 85 17.59 -11.25 -1.98
N LEU A 86 17.64 -9.91 -2.03
CA LEU A 86 17.48 -9.17 -3.28
C LEU A 86 18.58 -9.56 -4.28
N ASP A 87 19.79 -9.70 -3.78
CA ASP A 87 20.90 -10.12 -4.62
C ASP A 87 20.69 -11.55 -5.15
N GLU A 88 20.22 -12.48 -4.30
CA GLU A 88 19.87 -13.80 -4.72
C GLU A 88 18.80 -13.81 -5.79
N LEU A 89 17.82 -12.92 -5.66
CA LEU A 89 16.76 -12.83 -6.64
C LEU A 89 17.27 -12.18 -7.91
N ASN A 90 18.40 -11.51 -7.98
CA ASN A 90 18.78 -10.68 -9.09
C ASN A 90 17.76 -9.57 -9.25
N ALA A 91 17.15 -9.12 -8.16
CA ALA A 91 16.17 -8.03 -8.27
C ALA A 91 16.87 -6.76 -8.72
N THR A 92 16.09 -5.97 -9.43
CA THR A 92 16.54 -4.66 -9.86
C THR A 92 15.85 -3.56 -9.11
N GLY A 93 14.87 -3.85 -8.26
CA GLY A 93 14.24 -2.83 -7.44
C GLY A 93 13.90 -3.36 -6.05
N TYR A 94 13.88 -2.43 -5.12
CA TYR A 94 13.43 -2.73 -3.78
C TYR A 94 12.69 -1.52 -3.25
N ARG A 95 11.46 -1.72 -2.85
CA ARG A 95 10.72 -0.66 -2.20
C ARG A 95 10.74 -0.88 -0.70
N PHE A 96 11.22 0.12 0.04
CA PHE A 96 11.23 0.07 1.50
C PHE A 96 10.73 1.44 1.95
N SER A 97 10.43 1.53 3.23
CA SER A 97 10.02 2.85 3.75
C SER A 97 11.02 3.33 4.77
N ILE A 98 11.09 4.66 4.91
CA ILE A 98 11.84 5.29 5.98
C ILE A 98 10.90 5.50 7.15
N ALA A 99 11.33 5.07 8.34
CA ALA A 99 10.55 5.36 9.54
C ALA A 99 10.87 6.78 9.95
N TRP A 100 9.85 7.64 9.91
CA TRP A 100 9.97 9.01 10.40
C TRP A 100 10.52 9.03 11.78
N SER A 101 10.04 8.12 12.66
CA SER A 101 10.51 8.08 14.02
C SER A 101 11.93 7.64 14.18
N ARG A 102 12.55 7.04 13.15
CA ARG A 102 13.97 6.70 13.21
C ARG A 102 14.84 7.90 12.93
N ILE A 103 14.43 8.79 12.03
CA ILE A 103 15.31 9.92 11.69
C ILE A 103 14.91 11.20 12.39
N ILE A 104 13.65 11.39 12.74
CA ILE A 104 13.25 12.54 13.59
C ILE A 104 12.36 11.99 14.68
N PRO A 105 12.94 11.38 15.72
CA PRO A 105 12.13 10.80 16.76
C PRO A 105 11.14 11.72 17.39
N ARG A 106 11.46 13.02 17.44
CA ARG A 106 10.59 14.03 18.06
C ARG A 106 9.61 14.64 17.08
N GLY A 107 9.49 14.06 15.89
CA GLY A 107 8.49 14.45 14.92
C GLY A 107 8.83 15.70 14.09
N LYS A 108 8.96 16.81 14.82
CA LYS A 108 9.23 18.11 14.19
C LYS A 108 10.75 18.24 14.01
N ARG A 109 11.21 18.49 12.78
CA ARG A 109 12.59 18.53 12.43
C ARG A 109 13.41 19.48 13.30
N SER A 110 12.88 20.63 13.70
CA SER A 110 13.63 21.57 14.50
C SER A 110 14.02 21.03 15.84
N ARG A 111 13.38 19.96 16.33
CA ARG A 111 13.71 19.31 17.58
C ARG A 111 14.94 18.43 17.46
N GLY A 112 15.49 18.25 16.27
CA GLY A 112 16.71 17.50 16.11
C GLY A 112 16.48 16.22 15.32
N VAL A 113 17.58 15.77 14.75
CA VAL A 113 17.58 14.56 13.99
C VAL A 113 18.34 13.49 14.71
N ASN A 114 18.11 12.26 14.37
CA ASN A 114 18.84 11.09 14.84
C ASN A 114 19.90 10.74 13.82
N GLU A 115 21.13 11.17 14.05
CA GLU A 115 22.18 10.90 13.08
C GLU A 115 22.37 9.42 12.83
N LYS A 116 22.25 8.60 13.89
CA LYS A 116 22.44 7.16 13.71
C LYS A 116 21.34 6.56 12.86
N GLY A 117 20.12 7.10 12.97
CA GLY A 117 19.00 6.70 12.13
C GLY A 117 19.25 6.97 10.68
N ILE A 118 19.80 8.19 10.42
CA ILE A 118 20.17 8.59 9.08
C ILE A 118 21.23 7.67 8.54
N ASP A 119 22.23 7.30 9.38
CA ASP A 119 23.28 6.38 8.94
C ASP A 119 22.73 5.01 8.59
N TYR A 120 21.71 4.54 9.32
CA TYR A 120 21.11 3.26 8.99
C TYR A 120 20.59 3.27 7.56
N TYR A 121 19.85 4.28 7.12
CA TYR A 121 19.33 4.31 5.77
C TYR A 121 20.44 4.55 4.77
N HIS A 122 21.44 5.37 5.13
CA HIS A 122 22.56 5.54 4.22
C HIS A 122 23.21 4.21 3.90
N GLY A 123 23.42 3.35 4.91
CA GLY A 123 24.10 2.09 4.66
C GLY A 123 23.25 1.13 3.83
N LEU A 124 21.93 1.12 4.11
CA LEU A 124 21.02 0.29 3.33
C LEU A 124 21.04 0.72 1.85
N ILE A 125 20.89 2.02 1.63
CA ILE A 125 20.86 2.58 0.29
C ILE A 125 22.15 2.27 -0.44
N SER A 126 23.28 2.54 0.21
CA SER A 126 24.56 2.26 -0.41
C SER A 126 24.63 0.77 -0.77
N GLY A 127 24.23 -0.08 0.14
CA GLY A 127 24.34 -1.51 -0.12
C GLY A 127 23.43 -2.00 -1.25
N LEU A 128 22.26 -1.40 -1.36
CA LEU A 128 21.41 -1.72 -2.48
C LEU A 128 22.01 -1.31 -3.79
N ILE A 129 22.49 -0.08 -3.85
CA ILE A 129 23.04 0.45 -5.10
C ILE A 129 24.24 -0.38 -5.49
N LYS A 130 25.05 -0.81 -4.55
CA LYS A 130 26.26 -1.59 -4.82
C LYS A 130 25.92 -2.93 -5.45
N LYS A 131 24.74 -3.45 -5.26
CA LYS A 131 24.24 -4.67 -5.85
C LYS A 131 23.32 -4.47 -7.05
N GLY A 132 23.28 -3.21 -7.53
CA GLY A 132 22.49 -2.91 -8.72
C GLY A 132 21.01 -2.89 -8.52
N ILE A 133 20.58 -2.58 -7.31
CA ILE A 133 19.16 -2.58 -6.97
C ILE A 133 18.75 -1.13 -6.85
N THR A 134 17.70 -0.76 -7.59
CA THR A 134 17.17 0.59 -7.53
C THR A 134 16.23 0.73 -6.32
N PRO A 135 16.53 1.66 -5.40
CA PRO A 135 15.62 1.90 -4.31
C PRO A 135 14.37 2.64 -4.75
N PHE A 136 13.22 2.28 -4.24
CA PHE A 136 11.97 2.98 -4.32
C PHE A 136 11.58 3.24 -2.87
N VAL A 137 11.65 4.51 -2.44
CA VAL A 137 11.58 4.80 -1.02
C VAL A 137 10.31 5.47 -0.62
N THR A 138 9.54 4.83 0.22
CA THR A 138 8.32 5.43 0.73
C THR A 138 8.63 6.28 1.96
N LEU A 139 8.25 7.58 1.89
CA LEU A 139 8.48 8.47 3.02
C LEU A 139 7.62 8.12 4.23
N PHE A 140 6.34 7.72 3.92
CA PHE A 140 5.37 7.56 4.98
C PHE A 140 4.52 6.35 4.72
N HIS A 141 4.89 5.23 5.41
CA HIS A 141 4.10 4.01 5.41
C HIS A 141 3.42 3.88 6.77
N TRP A 142 2.71 4.91 7.17
CA TRP A 142 1.71 4.93 8.22
C TRP A 142 2.28 5.17 9.61
N ASP A 143 3.56 5.08 9.79
CA ASP A 143 4.20 5.10 11.09
C ASP A 143 4.54 6.52 11.57
N LEU A 144 3.44 7.23 11.82
CA LEU A 144 3.63 8.65 12.26
C LEU A 144 4.19 8.72 13.63
N PRO A 145 5.16 9.56 13.93
CA PRO A 145 5.64 9.75 15.30
C PRO A 145 4.47 10.00 16.25
N GLN A 146 4.47 9.28 17.36
CA GLN A 146 3.37 9.38 18.33
C GLN A 146 3.19 10.81 18.83
N THR A 147 4.31 11.47 19.03
CA THR A 147 4.21 12.88 19.49
C THR A 147 3.33 13.70 18.58
N LEU A 148 3.34 13.53 17.28
CA LEU A 148 2.50 14.34 16.39
C LEU A 148 1.06 14.03 16.55
N GLN A 149 0.73 12.74 16.73
CA GLN A 149 -0.64 12.34 17.02
C GLN A 149 -1.10 12.92 18.34
N ASP A 150 -0.20 12.95 19.33
CA ASP A 150 -0.63 13.45 20.61
C ASP A 150 -0.67 14.98 20.66
N GLU A 151 0.20 15.68 19.89
CA GLU A 151 0.16 17.13 19.90
C GLU A 151 -1.07 17.62 19.20
N TYR A 152 -1.42 17.08 18.02
CA TYR A 152 -2.48 17.63 17.22
C TYR A 152 -3.30 16.64 16.43
N GLU A 153 -3.21 15.35 16.84
CA GLU A 153 -3.94 14.28 16.17
C GLU A 153 -3.51 14.13 14.72
N GLY A 154 -2.20 14.32 14.47
CA GLY A 154 -1.60 13.91 13.24
C GLY A 154 -2.29 14.43 12.01
N PHE A 155 -2.62 13.57 11.07
CA PHE A 155 -3.22 14.00 9.82
C PHE A 155 -4.62 14.57 10.00
N LEU A 156 -5.20 14.54 11.19
CA LEU A 156 -6.44 15.25 11.44
C LEU A 156 -6.28 16.76 11.39
N ASP A 157 -5.07 17.26 11.56
CA ASP A 157 -4.85 18.71 11.67
C ASP A 157 -3.95 19.19 10.59
N PRO A 158 -4.18 20.42 10.10
CA PRO A 158 -3.33 20.96 9.03
C PRO A 158 -1.88 21.19 9.42
N GLN A 159 -1.58 21.14 10.73
CA GLN A 159 -0.22 21.21 11.19
C GLN A 159 0.65 20.09 10.64
N ILE A 160 0.02 18.98 10.24
CA ILE A 160 0.80 17.89 9.67
C ILE A 160 1.56 18.29 8.43
N ILE A 161 1.02 19.28 7.66
CA ILE A 161 1.55 19.55 6.36
C ILE A 161 2.96 20.00 6.44
N ASP A 162 3.24 20.99 7.32
CA ASP A 162 4.58 21.49 7.45
C ASP A 162 5.54 20.53 8.15
N ASP A 163 5.01 19.73 9.10
CA ASP A 163 5.91 18.74 9.72
C ASP A 163 6.29 17.64 8.74
N PHE A 164 5.35 17.21 7.90
CA PHE A 164 5.64 16.22 6.88
C PHE A 164 6.62 16.80 5.86
N LYS A 165 6.40 18.07 5.45
CA LYS A 165 7.29 18.70 4.49
C LYS A 165 8.70 18.80 5.02
N ASP A 166 8.89 19.16 6.30
CA ASP A 166 10.23 19.28 6.84
C ASP A 166 10.90 17.91 6.91
N TYR A 167 10.15 16.88 7.26
CA TYR A 167 10.66 15.52 7.26
C TYR A 167 11.09 15.08 5.87
N ALA A 168 10.21 15.30 4.88
CA ALA A 168 10.57 14.94 3.54
C ALA A 168 11.80 15.67 3.03
N ASP A 169 11.87 17.00 3.38
CA ASP A 169 13.03 17.77 2.96
C ASP A 169 14.31 17.12 3.50
N LEU A 170 14.28 16.70 4.79
CA LEU A 170 15.44 16.01 5.36
C LEU A 170 15.80 14.74 4.56
N CYS A 171 14.77 13.98 4.19
CA CYS A 171 15.02 12.76 3.41
C CYS A 171 15.66 13.08 2.08
N PHE A 172 15.11 14.11 1.38
CA PHE A 172 15.68 14.47 0.06
C PHE A 172 17.10 14.92 0.22
N GLU A 173 17.33 15.75 1.25
CA GLU A 173 18.69 16.29 1.45
C GLU A 173 19.66 15.16 1.73
N GLU A 174 19.27 14.23 2.61
CA GLU A 174 20.23 13.20 3.03
C GLU A 174 20.37 12.06 2.06
N PHE A 175 19.28 11.68 1.37
CA PHE A 175 19.31 10.45 0.60
C PHE A 175 19.09 10.62 -0.87
N GLY A 176 18.62 11.84 -1.30
CA GLY A 176 18.24 12.03 -2.69
C GLY A 176 19.32 12.02 -3.73
N ASP A 177 20.57 12.14 -3.26
CA ASP A 177 21.68 11.96 -4.19
C ASP A 177 21.73 10.53 -4.73
N SER A 178 21.19 9.59 -3.97
CA SER A 178 21.21 8.19 -4.37
C SER A 178 19.83 7.68 -4.67
N VAL A 179 18.78 8.13 -4.06
CA VAL A 179 17.42 7.66 -4.28
C VAL A 179 16.80 8.47 -5.37
N LYS A 180 16.28 7.83 -6.38
CA LYS A 180 15.70 8.51 -7.55
C LYS A 180 14.26 8.24 -7.74
N TYR A 181 13.65 7.42 -6.85
CA TYR A 181 12.24 7.11 -6.90
C TYR A 181 11.71 7.26 -5.49
N TRP A 182 10.80 8.19 -5.27
CA TRP A 182 10.20 8.44 -4.00
C TRP A 182 8.71 8.26 -4.02
N LEU A 183 8.21 7.67 -2.97
CA LEU A 183 6.77 7.56 -2.76
C LEU A 183 6.44 8.42 -1.55
N THR A 184 5.36 9.18 -1.60
CA THR A 184 5.01 10.02 -0.47
C THR A 184 4.29 9.27 0.63
N ILE A 185 3.03 9.00 0.42
CA ILE A 185 2.17 8.35 1.42
C ILE A 185 1.73 7.03 0.83
N ASN A 186 1.90 5.94 1.64
CA ASN A 186 1.42 4.65 1.20
C ASN A 186 -0.08 4.57 1.19
N GLN A 187 -0.70 4.15 0.11
CA GLN A 187 -2.13 3.88 -0.02
C GLN A 187 -2.99 4.95 0.61
N LEU A 188 -3.18 6.03 -0.15
CA LEU A 188 -3.92 7.17 0.39
C LEU A 188 -5.25 6.83 1.00
N TYR A 189 -5.98 5.84 0.45
CA TYR A 189 -7.27 5.48 1.00
C TYR A 189 -7.25 4.91 2.41
N SER A 190 -6.15 4.23 2.77
CA SER A 190 -6.13 3.38 3.94
C SER A 190 -6.22 4.10 5.27
N VAL A 191 -5.37 5.09 5.53
CA VAL A 191 -5.46 5.72 6.88
C VAL A 191 -6.80 6.40 7.09
N PRO A 192 -7.29 7.20 6.11
CA PRO A 192 -8.58 7.85 6.36
C PRO A 192 -9.66 6.89 6.77
N THR A 193 -9.76 5.76 6.03
CA THR A 193 -10.85 4.85 6.27
C THR A 193 -10.64 3.90 7.42
N ARG A 194 -9.44 3.34 7.48
CA ARG A 194 -9.18 2.36 8.53
C ARG A 194 -8.72 2.94 9.80
N GLY A 195 -7.97 4.07 9.71
CA GLY A 195 -7.44 4.70 10.89
C GLY A 195 -8.43 5.61 11.60
N TYR A 196 -9.33 6.22 10.80
CA TYR A 196 -10.26 7.24 11.28
C TYR A 196 -11.74 6.91 10.99
N GLY A 197 -11.96 5.76 10.34
CA GLY A 197 -13.33 5.34 9.98
C GLY A 197 -13.75 4.13 10.78
N SER A 198 -13.11 2.98 10.45
CA SER A 198 -13.42 1.75 11.14
C SER A 198 -12.56 1.53 12.38
N ALA A 199 -11.47 2.24 12.47
CA ALA A 199 -10.52 2.10 13.60
C ALA A 199 -9.90 0.72 13.62
N LEU A 200 -9.76 0.08 12.49
CA LEU A 200 -9.00 -1.15 12.40
C LEU A 200 -7.53 -0.87 12.48
N ASP A 201 -7.11 0.34 12.06
CA ASP A 201 -5.73 0.72 11.94
C ASP A 201 -5.40 1.92 12.83
N ALA A 202 -4.13 2.12 13.12
CA ALA A 202 -3.67 3.31 13.82
C ALA A 202 -4.16 4.55 13.05
N PRO A 203 -4.52 5.62 13.76
CA PRO A 203 -4.45 5.79 15.20
C PRO A 203 -5.60 5.18 15.96
N GLY A 204 -6.65 4.69 15.31
CA GLY A 204 -7.75 4.03 15.98
C GLY A 204 -8.84 4.96 16.45
N ARG A 205 -9.19 5.95 15.65
CA ARG A 205 -10.27 6.87 15.94
C ARG A 205 -11.51 6.45 15.17
N CYS A 206 -12.67 6.69 15.80
CA CYS A 206 -13.96 6.38 15.17
C CYS A 206 -15.08 7.00 15.95
N SER A 207 -16.28 6.88 15.43
CA SER A 207 -17.46 7.29 16.19
C SER A 207 -17.67 6.30 17.32
N PRO A 208 -18.19 6.76 18.47
CA PRO A 208 -18.39 5.88 19.61
C PRO A 208 -19.16 4.60 19.34
N THR A 209 -20.21 4.65 18.54
CA THR A 209 -21.01 3.48 18.30
C THR A 209 -20.49 2.57 17.23
N VAL A 210 -19.48 3.04 16.47
CA VAL A 210 -18.76 2.20 15.54
C VAL A 210 -17.89 1.19 16.27
N ASP A 211 -17.12 1.70 17.22
CA ASP A 211 -16.27 0.90 18.08
C ASP A 211 -16.10 1.64 19.38
N PRO A 212 -16.71 1.19 20.45
CA PRO A 212 -16.61 1.84 21.72
C PRO A 212 -15.20 1.93 22.28
N SER A 213 -14.25 1.17 21.76
CA SER A 213 -12.88 1.26 22.19
C SER A 213 -12.15 2.48 21.60
N CYS A 214 -12.60 3.07 20.55
CA CYS A 214 -11.88 4.21 20.04
C CYS A 214 -11.76 5.33 21.11
N TYR A 215 -10.63 5.98 21.19
CA TYR A 215 -10.46 7.01 22.20
C TYR A 215 -11.17 8.29 21.85
N ALA A 216 -11.46 8.53 20.60
CA ALA A 216 -12.09 9.72 20.10
C ALA A 216 -12.40 9.48 18.64
N GLY A 217 -13.13 10.37 18.03
CA GLY A 217 -13.31 10.39 16.62
C GLY A 217 -14.71 10.60 16.11
N ASN A 218 -14.82 10.50 14.82
CA ASN A 218 -16.09 10.69 14.09
C ASN A 218 -15.87 10.07 12.74
N SER A 219 -16.43 8.85 12.54
CA SER A 219 -16.21 8.08 11.32
C SER A 219 -16.80 8.68 10.07
N SER A 220 -17.78 9.60 10.29
CA SER A 220 -18.48 10.24 9.18
C SER A 220 -17.72 11.42 8.58
N THR A 221 -16.96 12.11 9.45
CA THR A 221 -16.28 13.33 9.05
C THR A 221 -14.76 13.21 8.94
N GLU A 222 -14.15 12.49 9.90
CA GLU A 222 -12.71 12.50 9.98
C GLU A 222 -12.04 11.84 8.81
N PRO A 223 -12.56 10.77 8.18
CA PRO A 223 -11.88 10.24 6.97
C PRO A 223 -11.67 11.32 5.92
N TYR A 224 -12.67 12.20 5.75
CA TYR A 224 -12.54 13.24 4.73
C TYR A 224 -11.53 14.29 5.09
N ILE A 225 -11.47 14.65 6.37
CA ILE A 225 -10.48 15.65 6.83
C ILE A 225 -9.11 15.12 6.59
N VAL A 226 -8.90 13.86 7.06
CA VAL A 226 -7.59 13.21 6.96
C VAL A 226 -7.15 13.03 5.52
N ALA A 227 -8.09 12.56 4.68
CA ALA A 227 -7.77 12.39 3.26
C ALA A 227 -7.34 13.71 2.65
N HIS A 228 -8.03 14.79 2.98
CA HIS A 228 -7.72 16.14 2.43
C HIS A 228 -6.34 16.59 2.88
N HIS A 229 -6.05 16.38 4.17
CA HIS A 229 -4.72 16.74 4.63
C HIS A 229 -3.65 15.90 4.05
N GLN A 230 -3.92 14.58 3.81
CA GLN A 230 -2.95 13.76 3.13
C GLN A 230 -2.64 14.31 1.76
N LEU A 231 -3.68 14.69 1.02
CA LEU A 231 -3.47 15.24 -0.32
C LEU A 231 -2.65 16.53 -0.32
N LEU A 232 -2.96 17.40 0.63
CA LEU A 232 -2.22 18.67 0.73
C LEU A 232 -0.79 18.41 1.18
N ALA A 233 -0.58 17.51 2.13
CA ALA A 233 0.77 17.19 2.58
C ALA A 233 1.61 16.54 1.47
N HIS A 234 1.00 15.57 0.80
CA HIS A 234 1.62 14.97 -0.37
C HIS A 234 2.05 16.05 -1.35
N ALA A 235 1.08 16.93 -1.69
CA ALA A 235 1.32 17.88 -2.77
C ALA A 235 2.39 18.89 -2.38
N LYS A 236 2.43 19.29 -1.09
CA LYS A 236 3.46 20.21 -0.65
C LYS A 236 4.82 19.58 -0.77
N VAL A 237 4.89 18.27 -0.47
CA VAL A 237 6.15 17.54 -0.59
C VAL A 237 6.58 17.40 -2.02
N VAL A 238 5.63 17.11 -2.93
CA VAL A 238 6.00 16.99 -4.34
C VAL A 238 6.48 18.34 -4.87
N ASP A 239 5.80 19.45 -4.48
CA ASP A 239 6.27 20.76 -4.93
C ASP A 239 7.66 21.04 -4.39
N LEU A 240 7.93 20.72 -3.11
CA LEU A 240 9.26 20.88 -2.56
C LEU A 240 10.29 20.10 -3.37
N TYR A 241 9.95 18.83 -3.66
CA TYR A 241 10.86 17.97 -4.41
C TYR A 241 11.20 18.57 -5.76
N ARG A 242 10.16 18.95 -6.49
CA ARG A 242 10.32 19.38 -7.85
C ARG A 242 10.88 20.81 -7.94
N LYS A 243 10.75 21.62 -6.92
CA LYS A 243 11.33 22.96 -6.95
C LYS A 243 12.69 23.03 -6.34
N ASN A 244 12.98 22.22 -5.32
CA ASN A 244 14.23 22.32 -4.61
C ASN A 244 15.18 21.17 -4.83
N TYR A 245 14.71 20.07 -5.40
CA TYR A 245 15.59 18.92 -5.56
C TYR A 245 15.59 18.44 -6.97
N THR A 246 15.29 19.30 -7.99
CA THR A 246 15.32 18.89 -9.37
C THR A 246 16.69 18.46 -9.83
N HIS A 247 17.76 18.97 -9.18
CA HIS A 247 19.11 18.58 -9.52
C HIS A 247 19.38 17.11 -9.29
N GLN A 248 18.57 16.44 -8.44
CA GLN A 248 18.80 15.05 -8.14
C GLN A 248 18.36 14.16 -9.23
N GLY A 249 17.56 14.64 -10.20
CA GLY A 249 17.16 13.81 -11.33
C GLY A 249 16.29 12.64 -10.96
N GLY A 250 15.45 12.76 -9.96
CA GLY A 250 14.57 11.67 -9.56
C GLY A 250 13.12 12.01 -9.82
N LYS A 251 12.24 11.12 -9.40
CA LYS A 251 10.84 11.17 -9.60
C LYS A 251 10.12 10.88 -8.28
N ILE A 252 8.93 11.43 -8.14
CA ILE A 252 8.15 11.26 -6.93
C ILE A 252 6.73 11.02 -7.25
N GLY A 253 6.01 10.24 -6.43
CA GLY A 253 4.59 10.09 -6.59
C GLY A 253 3.95 9.56 -5.32
N PRO A 254 2.62 9.57 -5.32
CA PRO A 254 1.86 8.93 -4.25
C PRO A 254 1.79 7.42 -4.52
N THR A 255 1.32 6.74 -3.48
CA THR A 255 0.89 5.36 -3.66
C THR A 255 -0.63 5.29 -3.48
N MET A 256 -1.27 4.60 -4.47
CA MET A 256 -2.67 4.30 -4.33
C MET A 256 -2.84 2.79 -4.03
N ILE A 257 -3.81 2.49 -3.16
CA ILE A 257 -4.35 1.14 -3.17
C ILE A 257 -5.36 1.12 -4.29
N THR A 258 -5.20 0.18 -5.21
CA THR A 258 -6.17 0.01 -6.29
C THR A 258 -6.91 -1.29 -6.09
N ARG A 259 -8.13 -1.30 -6.49
CA ARG A 259 -8.97 -2.49 -6.64
C ARG A 259 -9.68 -2.30 -7.97
N TRP A 260 -10.10 -3.38 -8.58
CA TRP A 260 -11.13 -3.25 -9.61
C TRP A 260 -12.47 -3.49 -8.93
N PHE A 261 -13.55 -3.07 -9.62
CA PHE A 261 -14.89 -3.31 -9.16
C PHE A 261 -15.69 -3.79 -10.34
N LEU A 262 -16.51 -4.80 -10.10
CA LEU A 262 -17.42 -5.38 -11.09
C LEU A 262 -18.82 -5.34 -10.50
N PRO A 263 -19.83 -5.31 -11.35
CA PRO A 263 -21.16 -5.36 -10.80
C PRO A 263 -21.49 -6.70 -10.19
N TYR A 264 -22.08 -6.71 -9.00
CA TYR A 264 -22.65 -7.89 -8.37
C TYR A 264 -23.65 -8.54 -9.31
N ASN A 265 -24.39 -7.75 -10.04
CA ASN A 265 -25.29 -8.23 -11.04
C ASN A 265 -25.14 -7.37 -12.28
N ASP A 266 -24.53 -7.93 -13.31
CA ASP A 266 -24.11 -7.14 -14.48
C ASP A 266 -25.19 -6.83 -15.47
N THR A 267 -26.43 -7.16 -15.11
CA THR A 267 -27.56 -6.71 -15.91
C THR A 267 -28.50 -5.87 -15.08
N ASP A 268 -28.11 -5.51 -13.85
CA ASP A 268 -28.90 -4.69 -12.94
C ASP A 268 -28.31 -3.30 -12.93
N ARG A 269 -29.07 -2.32 -13.44
CA ARG A 269 -28.57 -0.92 -13.47
C ARG A 269 -28.15 -0.44 -12.10
N HIS A 270 -28.81 -0.88 -11.02
CA HIS A 270 -28.43 -0.38 -9.69
C HIS A 270 -27.07 -0.89 -9.29
N SER A 271 -26.79 -2.16 -9.58
CA SER A 271 -25.47 -2.71 -9.30
C SER A 271 -24.41 -2.06 -10.17
N ILE A 272 -24.74 -1.85 -11.45
CA ILE A 272 -23.79 -1.18 -12.33
C ILE A 272 -23.48 0.22 -11.80
N ALA A 273 -24.50 0.96 -11.35
CA ALA A 273 -24.26 2.30 -10.79
C ALA A 273 -23.42 2.23 -9.55
N ALA A 274 -23.67 1.25 -8.66
CA ALA A 274 -22.85 1.12 -7.46
C ALA A 274 -21.39 0.88 -7.81
N THR A 275 -21.19 0.10 -8.87
CA THR A 275 -19.82 -0.21 -9.29
C THR A 275 -19.08 1.01 -9.77
N GLU A 276 -19.77 1.87 -10.51
CA GLU A 276 -19.14 3.12 -10.93
C GLU A 276 -18.95 4.10 -9.78
N ARG A 277 -19.90 4.11 -8.85
CA ARG A 277 -19.67 4.91 -7.66
C ARG A 277 -18.44 4.44 -6.90
N MET A 278 -18.25 3.12 -6.81
CA MET A 278 -17.07 2.64 -6.10
C MET A 278 -15.78 3.11 -6.77
N LYS A 279 -15.76 3.11 -8.10
CA LYS A 279 -14.51 3.58 -8.72
C LYS A 279 -14.26 5.03 -8.27
N GLU A 280 -15.30 5.88 -8.31
CA GLU A 280 -15.12 7.28 -7.90
C GLU A 280 -14.76 7.44 -6.44
N PHE A 281 -15.44 6.70 -5.56
CA PHE A 281 -15.22 6.85 -4.12
C PHE A 281 -13.95 6.21 -3.61
N PHE A 282 -13.46 5.16 -4.33
CA PHE A 282 -12.30 4.43 -3.86
C PHE A 282 -11.06 4.99 -4.56
N LEU A 283 -11.11 5.12 -5.90
CA LEU A 283 -9.99 5.63 -6.66
C LEU A 283 -10.06 7.15 -6.88
N GLY A 284 -11.25 7.62 -7.29
CA GLY A 284 -11.38 9.05 -7.64
C GLY A 284 -11.24 9.97 -6.48
N TRP A 285 -11.53 9.55 -5.24
CA TRP A 285 -11.38 10.36 -4.05
C TRP A 285 -10.01 11.02 -4.05
N PHE A 286 -8.99 10.24 -4.50
CA PHE A 286 -7.64 10.75 -4.59
C PHE A 286 -7.21 11.10 -5.99
N MET A 287 -7.62 10.32 -6.99
CA MET A 287 -7.19 10.54 -8.35
C MET A 287 -7.88 11.77 -8.94
N GLY A 288 -9.06 12.11 -8.54
CA GLY A 288 -9.67 13.37 -9.02
C GLY A 288 -8.84 14.53 -8.59
N PRO A 289 -8.49 14.64 -7.32
CA PRO A 289 -7.63 15.76 -6.90
C PRO A 289 -6.29 15.71 -7.59
N LEU A 290 -5.67 14.53 -7.70
CA LEU A 290 -4.35 14.43 -8.29
C LEU A 290 -4.34 14.77 -9.77
N THR A 291 -5.44 14.58 -10.48
CA THR A 291 -5.43 14.89 -11.94
C THR A 291 -6.21 16.13 -12.26
N ASN A 292 -7.08 16.59 -11.38
CA ASN A 292 -7.90 17.72 -11.72
C ASN A 292 -7.98 18.76 -10.67
N GLY A 293 -7.49 18.53 -9.46
CA GLY A 293 -7.59 19.51 -8.41
C GLY A 293 -8.94 19.56 -7.74
N THR A 294 -9.80 18.59 -7.99
CA THR A 294 -11.12 18.57 -7.39
C THR A 294 -11.53 17.12 -7.04
N TYR A 295 -12.43 17.00 -6.07
CA TYR A 295 -12.98 15.69 -5.82
C TYR A 295 -14.03 15.34 -6.88
N PRO A 296 -14.29 14.05 -7.06
CA PRO A 296 -15.32 13.63 -8.02
C PRO A 296 -16.64 14.31 -7.69
N GLN A 297 -17.42 14.60 -8.76
CA GLN A 297 -18.72 15.21 -8.58
C GLN A 297 -19.60 14.33 -7.71
N ILE A 298 -19.61 13.01 -7.87
CA ILE A 298 -20.52 12.22 -7.03
C ILE A 298 -20.14 12.39 -5.55
N MET A 299 -18.86 12.51 -5.25
CA MET A 299 -18.49 12.74 -3.86
C MET A 299 -18.95 14.12 -3.39
N ILE A 300 -18.75 15.12 -4.26
CA ILE A 300 -19.23 16.48 -3.87
C ILE A 300 -20.69 16.45 -3.51
N ASP A 301 -21.47 15.74 -4.35
CA ASP A 301 -22.91 15.70 -4.21
C ASP A 301 -23.35 14.93 -3.00
N THR A 302 -22.72 13.75 -2.78
CA THR A 302 -23.17 12.89 -1.71
C THR A 302 -22.68 13.38 -0.36
N VAL A 303 -21.40 13.71 -0.29
CA VAL A 303 -20.72 13.98 0.97
C VAL A 303 -21.04 15.40 1.44
N GLY A 304 -21.34 16.28 0.51
CA GLY A 304 -21.90 17.60 0.91
C GLY A 304 -20.89 18.35 1.78
N GLU A 305 -21.41 18.88 2.90
CA GLU A 305 -20.63 19.74 3.77
C GLU A 305 -19.53 18.99 4.50
N ARG A 306 -19.60 17.65 4.47
CA ARG A 306 -18.52 16.88 5.08
C ARG A 306 -17.28 16.78 4.18
N LEU A 307 -17.38 17.22 2.94
CA LEU A 307 -16.25 17.15 2.04
C LEU A 307 -15.49 18.47 2.03
N PRO A 308 -14.24 18.56 2.43
CA PRO A 308 -13.54 19.85 2.39
C PRO A 308 -13.36 20.34 0.97
N SER A 309 -13.23 21.67 0.89
CA SER A 309 -12.93 22.31 -0.37
C SER A 309 -11.43 22.61 -0.50
N PHE A 310 -10.92 22.64 -1.71
CA PHE A 310 -9.60 23.13 -2.00
C PHE A 310 -9.76 24.61 -2.39
N SER A 311 -8.88 25.41 -1.90
CA SER A 311 -8.82 26.80 -2.38
C SER A 311 -8.17 26.70 -3.74
N PRO A 312 -8.24 27.79 -4.53
CA PRO A 312 -7.61 27.79 -5.83
C PRO A 312 -6.13 27.49 -5.74
N GLU A 313 -5.42 27.97 -4.75
CA GLU A 313 -4.00 27.72 -4.56
C GLU A 313 -3.77 26.22 -4.26
N GLU A 314 -4.60 25.70 -3.36
CA GLU A 314 -4.48 24.28 -3.01
C GLU A 314 -4.76 23.37 -4.18
N SER A 315 -5.79 23.68 -4.96
CA SER A 315 -6.18 22.89 -6.12
C SER A 315 -5.01 22.83 -7.06
N ASN A 316 -4.40 23.99 -7.33
CA ASN A 316 -3.24 24.04 -8.20
C ASN A 316 -2.08 23.22 -7.66
N LEU A 317 -1.86 23.28 -6.36
CA LEU A 317 -0.77 22.49 -5.77
C LEU A 317 -0.97 20.97 -5.96
N VAL A 318 -2.22 20.55 -5.73
CA VAL A 318 -2.51 19.12 -5.77
C VAL A 318 -2.61 18.58 -7.15
N LYS A 319 -3.20 19.35 -8.08
CA LYS A 319 -3.37 18.87 -9.44
C LYS A 319 -2.03 18.66 -10.10
N GLY A 320 -1.80 17.46 -10.62
CA GLY A 320 -0.58 17.17 -11.31
C GLY A 320 0.59 16.85 -10.41
N SER A 321 0.33 16.63 -9.10
CA SER A 321 1.40 16.49 -8.12
C SER A 321 1.98 15.07 -8.10
N TYR A 322 2.46 14.65 -9.25
CA TYR A 322 3.12 13.33 -9.36
C TYR A 322 3.92 13.26 -10.62
N ASP A 323 5.04 12.57 -10.58
CA ASP A 323 5.76 12.18 -11.78
C ASP A 323 5.35 10.79 -12.21
N PHE A 324 4.89 9.98 -11.27
CA PHE A 324 4.44 8.61 -11.56
C PHE A 324 3.48 8.29 -10.42
N LEU A 325 2.80 7.16 -10.60
CA LEU A 325 1.93 6.62 -9.57
C LEU A 325 2.48 5.26 -9.15
N GLY A 326 2.55 5.09 -7.83
CA GLY A 326 2.80 3.74 -7.30
C GLY A 326 1.44 3.12 -7.07
N LEU A 327 1.12 2.09 -7.86
CA LEU A 327 -0.18 1.44 -7.73
C LEU A 327 0.04 0.07 -7.07
N ASN A 328 -0.58 -0.05 -5.91
CA ASN A 328 -0.66 -1.33 -5.21
C ASN A 328 -1.91 -2.02 -5.70
N TYR A 329 -1.86 -3.35 -5.89
CA TYR A 329 -3.04 -4.09 -6.32
C TYR A 329 -3.05 -5.46 -5.66
N TYR A 330 -4.17 -5.80 -5.06
CA TYR A 330 -4.32 -7.12 -4.46
C TYR A 330 -5.57 -7.82 -4.95
N PHE A 331 -6.72 -7.18 -5.03
CA PHE A 331 -7.94 -7.88 -5.36
C PHE A 331 -9.01 -6.93 -5.90
N THR A 332 -10.12 -7.55 -6.29
CA THR A 332 -11.26 -6.94 -6.90
C THR A 332 -12.55 -7.32 -6.18
N GLN A 333 -13.55 -6.46 -6.17
CA GLN A 333 -14.80 -6.72 -5.50
C GLN A 333 -15.99 -6.54 -6.43
N TYR A 334 -17.03 -7.30 -6.16
CA TYR A 334 -18.33 -7.04 -6.73
C TYR A 334 -19.01 -5.94 -5.89
N ALA A 335 -19.75 -5.09 -6.60
CA ALA A 335 -20.48 -4.02 -5.93
C ALA A 335 -21.95 -4.09 -6.18
N GLN A 336 -22.77 -3.91 -5.15
CA GLN A 336 -24.21 -3.84 -5.21
C GLN A 336 -24.66 -2.63 -4.40
N PRO A 337 -25.87 -2.13 -4.63
CA PRO A 337 -26.33 -0.96 -3.89
C PRO A 337 -26.43 -1.23 -2.40
N SER A 338 -26.25 -0.18 -1.62
CA SER A 338 -26.43 -0.24 -0.20
C SER A 338 -26.91 1.15 0.27
N PRO A 339 -27.73 1.22 1.27
CA PRO A 339 -28.19 2.51 1.76
C PRO A 339 -27.03 3.29 2.38
N ASN A 340 -27.23 4.62 2.44
CA ASN A 340 -26.25 5.50 3.07
C ASN A 340 -26.94 6.25 4.19
N PRO A 341 -26.97 5.70 5.40
CA PRO A 341 -27.72 6.34 6.50
C PRO A 341 -26.91 7.42 7.19
N VAL A 342 -26.81 8.59 6.54
CA VAL A 342 -25.97 9.67 7.09
C VAL A 342 -26.35 10.16 8.48
N ASN A 343 -27.60 9.99 8.89
CA ASN A 343 -28.00 10.39 10.23
C ASN A 343 -27.76 9.35 11.30
N SER A 344 -27.40 8.13 10.97
CA SER A 344 -27.16 7.06 11.92
C SER A 344 -25.92 7.43 12.73
N THR A 345 -25.94 7.11 14.02
CA THR A 345 -24.77 7.40 14.86
C THR A 345 -23.57 6.56 14.42
N ASN A 346 -23.86 5.41 13.78
CA ASN A 346 -22.76 4.58 13.32
C ASN A 346 -22.39 4.84 11.87
N HIS A 347 -22.80 5.96 11.29
CA HIS A 347 -22.45 6.27 9.91
C HIS A 347 -20.95 6.36 9.75
N THR A 348 -20.46 5.81 8.68
CA THR A 348 -19.06 5.96 8.30
C THR A 348 -18.94 6.57 6.93
N ALA A 349 -17.78 7.19 6.66
CA ALA A 349 -17.50 7.74 5.35
C ALA A 349 -17.63 6.65 4.31
N MET A 350 -17.25 5.39 4.63
CA MET A 350 -17.27 4.31 3.65
C MET A 350 -18.69 4.00 3.20
N MET A 351 -19.69 4.37 3.96
CA MET A 351 -21.05 4.19 3.54
C MET A 351 -21.51 5.13 2.46
N ASP A 352 -20.83 6.26 2.31
CA ASP A 352 -21.21 7.28 1.36
C ASP A 352 -21.18 6.81 -0.07
N ALA A 353 -20.41 5.80 -0.44
CA ALA A 353 -20.39 5.27 -1.78
C ALA A 353 -21.69 4.57 -2.12
N GLY A 354 -22.51 4.21 -1.13
CA GLY A 354 -23.76 3.55 -1.43
C GLY A 354 -23.58 2.18 -2.05
N ALA A 355 -22.57 1.44 -1.58
CA ALA A 355 -22.30 0.12 -2.15
C ALA A 355 -21.84 -0.87 -1.06
N LYS A 356 -22.31 -2.08 -1.31
CA LYS A 356 -21.88 -3.24 -0.50
C LYS A 356 -20.94 -4.08 -1.40
N LEU A 357 -19.84 -4.53 -0.84
CA LEU A 357 -18.81 -5.19 -1.60
C LEU A 357 -18.74 -6.65 -1.21
N THR A 358 -18.64 -7.53 -2.21
CA THR A 358 -18.57 -8.97 -2.02
C THR A 358 -17.56 -9.58 -2.97
N TYR A 359 -17.31 -10.88 -2.77
CA TYR A 359 -16.43 -11.64 -3.65
C TYR A 359 -17.25 -12.66 -4.42
N ILE A 360 -18.54 -12.73 -4.19
CA ILE A 360 -19.47 -13.64 -4.81
C ILE A 360 -20.51 -12.74 -5.50
N ASN A 361 -20.87 -13.10 -6.75
CA ASN A 361 -21.85 -12.29 -7.45
C ASN A 361 -23.27 -12.83 -7.29
N ALA A 362 -24.27 -12.23 -7.94
CA ALA A 362 -25.64 -12.53 -7.64
C ALA A 362 -26.00 -13.95 -8.05
N SER A 363 -25.34 -14.54 -9.02
CA SER A 363 -25.59 -15.91 -9.44
C SER A 363 -24.74 -16.91 -8.69
N GLY A 364 -23.97 -16.49 -7.70
CA GLY A 364 -23.21 -17.38 -6.83
C GLY A 364 -21.81 -17.60 -7.26
N HIS A 365 -21.31 -16.89 -8.28
CA HIS A 365 -19.95 -17.08 -8.74
C HIS A 365 -18.95 -16.42 -7.86
N TYR A 366 -17.99 -17.12 -7.31
CA TYR A 366 -16.85 -16.55 -6.61
C TYR A 366 -15.89 -16.02 -7.65
N ILE A 367 -15.37 -14.80 -7.43
CA ILE A 367 -14.62 -14.10 -8.44
C ILE A 367 -13.34 -14.76 -8.83
N GLY A 368 -12.73 -15.59 -7.99
CA GLY A 368 -11.46 -16.20 -8.33
C GLY A 368 -11.03 -17.05 -7.14
N PRO A 369 -9.77 -17.46 -7.18
CA PRO A 369 -9.22 -18.32 -6.13
C PRO A 369 -9.19 -17.65 -4.79
N LEU A 370 -9.04 -18.46 -3.72
CA LEU A 370 -8.94 -17.92 -2.39
C LEU A 370 -7.72 -17.04 -2.23
N PHE A 371 -8.01 -15.88 -1.63
CA PHE A 371 -6.97 -14.90 -1.30
C PHE A 371 -6.66 -14.88 0.21
N GLU A 372 -7.72 -14.89 1.04
CA GLU A 372 -7.47 -14.88 2.51
C GLU A 372 -8.67 -15.59 3.11
N LYS A 373 -8.34 -16.65 3.86
CA LYS A 373 -9.39 -17.29 4.62
C LYS A 373 -9.64 -16.55 5.94
N ASP A 374 -10.90 -16.39 6.27
CA ASP A 374 -11.29 -15.78 7.53
C ASP A 374 -11.85 -16.90 8.41
N LYS A 375 -11.04 -17.48 9.33
CA LYS A 375 -11.63 -18.58 10.11
C LYS A 375 -12.75 -18.19 11.03
N ALA A 376 -12.96 -16.96 11.45
CA ALA A 376 -14.12 -16.69 12.33
C ALA A 376 -15.41 -16.64 11.53
N ASP A 377 -15.34 -16.21 10.27
CA ASP A 377 -16.50 -16.22 9.39
C ASP A 377 -16.09 -16.47 7.95
N SER A 378 -16.29 -17.72 7.47
CA SER A 378 -15.91 -18.17 6.14
C SER A 378 -16.66 -17.46 5.03
N THR A 379 -17.83 -16.92 5.32
CA THR A 379 -18.53 -16.14 4.26
C THR A 379 -17.81 -14.83 3.98
N ASP A 380 -16.84 -14.41 4.76
CA ASP A 380 -16.05 -13.20 4.69
C ASP A 380 -14.66 -13.47 4.10
N ASN A 381 -14.40 -14.68 3.65
CA ASN A 381 -13.16 -14.95 2.93
C ASN A 381 -12.99 -13.98 1.77
N ILE A 382 -11.74 -13.62 1.46
CA ILE A 382 -11.41 -12.79 0.32
C ILE A 382 -10.94 -13.74 -0.79
N TYR A 383 -11.27 -13.41 -2.03
CA TYR A 383 -10.90 -14.14 -3.24
C TYR A 383 -10.22 -13.18 -4.19
N TYR A 384 -9.27 -13.61 -5.01
CA TYR A 384 -8.54 -12.72 -5.90
C TYR A 384 -9.03 -12.91 -7.31
N TYR A 385 -8.48 -12.09 -8.24
CA TYR A 385 -9.05 -11.91 -9.55
C TYR A 385 -7.88 -11.37 -10.40
N PRO A 386 -7.14 -12.26 -11.03
CA PRO A 386 -5.95 -11.82 -11.76
C PRO A 386 -6.16 -10.79 -12.83
N LYS A 387 -7.30 -10.88 -13.53
CA LYS A 387 -7.66 -9.91 -14.58
C LYS A 387 -7.81 -8.54 -14.00
N GLY A 388 -8.03 -8.38 -12.71
CA GLY A 388 -8.22 -7.08 -12.12
C GLY A 388 -7.05 -6.19 -12.33
N ILE A 389 -5.83 -6.74 -12.35
CA ILE A 389 -4.66 -5.85 -12.55
C ILE A 389 -4.70 -5.29 -13.96
N TYR A 390 -5.17 -6.07 -14.93
CA TYR A 390 -5.32 -5.57 -16.29
C TYR A 390 -6.38 -4.45 -16.30
N SER A 391 -7.54 -4.70 -15.70
CA SER A 391 -8.59 -3.70 -15.69
C SER A 391 -8.16 -2.45 -15.01
N VAL A 392 -7.47 -2.50 -13.90
CA VAL A 392 -7.00 -1.32 -13.19
C VAL A 392 -6.05 -0.55 -14.07
N MET A 393 -5.03 -1.19 -14.62
CA MET A 393 -4.04 -0.43 -15.37
C MET A 393 -4.67 0.24 -16.55
N ASP A 394 -5.52 -0.46 -17.27
CA ASP A 394 -6.28 0.06 -18.42
C ASP A 394 -7.08 1.29 -17.97
N TYR A 395 -7.79 1.19 -16.85
CA TYR A 395 -8.58 2.30 -16.36
C TYR A 395 -7.70 3.47 -16.02
N PHE A 396 -6.60 3.30 -15.36
CA PHE A 396 -5.71 4.43 -15.06
C PHE A 396 -5.23 5.10 -16.32
N LYS A 397 -4.85 4.33 -17.35
CA LYS A 397 -4.41 4.95 -18.59
C LYS A 397 -5.52 5.77 -19.19
N ASN A 398 -6.71 5.23 -19.26
CA ASN A 398 -7.83 5.89 -19.94
C ASN A 398 -8.46 7.02 -19.17
N LYS A 399 -8.61 6.85 -17.87
CA LYS A 399 -9.32 7.82 -17.06
C LYS A 399 -8.40 8.89 -16.52
N TYR A 400 -7.13 8.55 -16.29
CA TYR A 400 -6.23 9.39 -15.54
C TYR A 400 -4.98 9.76 -16.27
N TYR A 401 -5.18 10.02 -17.59
CA TYR A 401 -4.17 10.74 -18.39
C TYR A 401 -2.87 10.00 -18.58
N ASN A 402 -2.96 8.68 -18.84
CA ASN A 402 -1.79 7.92 -19.26
C ASN A 402 -0.59 8.16 -18.37
N PRO A 403 -0.68 7.79 -17.09
CA PRO A 403 0.39 8.02 -16.17
C PRO A 403 1.50 7.02 -16.33
N LEU A 404 2.69 7.35 -15.88
CA LEU A 404 3.76 6.41 -15.59
C LEU A 404 3.41 5.70 -14.29
N ILE A 405 3.49 4.37 -14.34
CA ILE A 405 3.09 3.51 -13.22
C ILE A 405 4.18 2.56 -12.83
N TYR A 406 4.38 2.39 -11.53
CA TYR A 406 5.11 1.24 -10.99
C TYR A 406 4.13 0.51 -10.09
N VAL A 407 4.07 -0.81 -10.27
CA VAL A 407 3.24 -1.62 -9.37
C VAL A 407 4.08 -1.84 -8.10
N THR A 408 3.67 -1.14 -7.03
CA THR A 408 4.50 -1.03 -5.84
C THR A 408 4.20 -2.05 -4.73
N GLU A 409 3.13 -2.83 -4.90
CA GLU A 409 2.83 -3.98 -4.05
C GLU A 409 1.87 -4.86 -4.83
N ASN A 410 2.05 -6.17 -4.64
CA ASN A 410 1.15 -7.22 -5.13
C ASN A 410 1.58 -8.52 -4.42
N GLY A 411 0.70 -9.21 -3.73
CA GLY A 411 1.17 -10.42 -3.03
C GLY A 411 -0.05 -10.99 -2.33
N ILE A 412 0.27 -12.12 -1.63
CA ILE A 412 -0.77 -12.94 -0.99
C ILE A 412 -0.19 -13.59 0.25
N SER A 413 -1.08 -13.81 1.24
CA SER A 413 -0.63 -14.45 2.48
C SER A 413 -0.85 -15.98 2.44
N THR A 414 -0.14 -16.61 3.35
CA THR A 414 -0.41 -18.01 3.70
C THR A 414 -0.52 -18.03 5.23
N PRO A 415 -1.25 -19.03 5.80
CA PRO A 415 -1.52 -18.97 7.22
C PRO A 415 -0.29 -19.17 8.07
N GLY A 416 -0.18 -18.47 9.18
CA GLY A 416 0.89 -18.66 10.16
C GLY A 416 0.70 -20.02 10.90
N ASP A 417 -0.42 -20.71 10.82
CA ASP A 417 -0.58 -22.02 11.45
C ASP A 417 0.18 -23.07 10.64
N GLU A 418 0.60 -22.83 9.39
CA GLU A 418 1.37 -23.82 8.63
C GLU A 418 2.73 -24.01 9.29
N ASN A 419 3.25 -25.25 9.20
CA ASN A 419 4.60 -25.44 9.75
C ASN A 419 5.59 -24.94 8.72
N ARG A 420 6.88 -24.98 9.01
CA ARG A 420 7.86 -24.46 8.09
C ARG A 420 7.87 -25.09 6.74
N ASN A 421 7.76 -26.43 6.69
CA ASN A 421 7.74 -27.10 5.41
C ASN A 421 6.58 -26.67 4.57
N GLN A 422 5.39 -26.59 5.15
CA GLN A 422 4.20 -26.17 4.39
C GLN A 422 4.45 -24.73 3.96
N SER A 423 4.90 -23.88 4.89
CA SER A 423 5.14 -22.50 4.56
C SER A 423 6.13 -22.29 3.44
N MET A 424 7.17 -23.10 3.32
CA MET A 424 8.14 -22.99 2.26
C MET A 424 7.56 -23.49 0.95
N LEU A 425 6.59 -24.40 0.98
CA LEU A 425 5.96 -24.93 -0.23
C LEU A 425 4.73 -24.16 -0.60
N ASP A 426 5.05 -22.87 -0.92
CA ASP A 426 4.02 -21.82 -1.08
C ASP A 426 3.61 -21.69 -2.52
N TYR A 427 3.15 -22.80 -3.09
CA TYR A 427 2.72 -22.84 -4.49
C TYR A 427 1.56 -21.89 -4.74
N THR A 428 0.71 -21.66 -3.75
CA THR A 428 -0.38 -20.70 -3.86
C THR A 428 0.15 -19.30 -4.13
N ARG A 429 1.31 -18.95 -3.64
CA ARG A 429 1.92 -17.64 -3.88
C ARG A 429 2.50 -17.59 -5.26
N ILE A 430 3.15 -18.64 -5.76
CA ILE A 430 3.59 -18.67 -7.16
C ILE A 430 2.39 -18.43 -8.05
N ASP A 431 1.31 -19.09 -7.82
CA ASP A 431 0.14 -18.99 -8.66
C ASP A 431 -0.41 -17.55 -8.65
N TYR A 432 -0.50 -16.98 -7.44
CA TYR A 432 -1.00 -15.59 -7.37
C TYR A 432 -0.08 -14.66 -8.12
N LEU A 433 1.24 -14.74 -7.86
CA LEU A 433 2.16 -13.79 -8.47
C LEU A 433 2.20 -13.95 -9.96
N CYS A 434 2.32 -15.19 -10.45
CA CYS A 434 2.46 -15.39 -11.87
C CYS A 434 1.19 -15.02 -12.64
N SER A 435 0.03 -15.28 -12.04
CA SER A 435 -1.19 -15.00 -12.74
C SER A 435 -1.38 -13.50 -12.91
N HIS A 436 -0.99 -12.72 -11.90
CA HIS A 436 -1.01 -11.26 -12.05
C HIS A 436 0.05 -10.76 -13.00
N LEU A 437 1.24 -11.34 -12.94
CA LEU A 437 2.24 -10.88 -13.90
C LEU A 437 1.84 -11.21 -15.29
N CYS A 438 1.16 -12.29 -15.57
CA CYS A 438 0.69 -12.58 -16.92
C CYS A 438 -0.20 -11.46 -17.40
N PHE A 439 -1.19 -11.08 -16.57
CA PHE A 439 -2.09 -10.03 -16.96
C PHE A 439 -1.44 -8.66 -17.04
N LEU A 440 -0.39 -8.45 -16.26
CA LEU A 440 0.31 -7.18 -16.32
C LEU A 440 1.05 -7.07 -17.63
N ASN A 441 1.73 -8.13 -18.05
CA ASN A 441 2.36 -8.13 -19.37
C ASN A 441 1.28 -7.96 -20.42
N LYS A 442 0.17 -8.63 -20.33
CA LYS A 442 -0.89 -8.54 -21.32
C LYS A 442 -1.40 -7.12 -21.41
N VAL A 443 -1.63 -6.39 -20.32
CA VAL A 443 -2.18 -5.04 -20.43
C VAL A 443 -1.10 -4.10 -20.98
N ILE A 444 0.17 -4.28 -20.65
CA ILE A 444 1.19 -3.42 -21.23
C ILE A 444 1.20 -3.62 -22.74
N LYS A 445 1.15 -4.87 -23.22
CA LYS A 445 1.19 -5.09 -24.65
C LYS A 445 -0.06 -4.67 -25.38
N GLU A 446 -1.25 -4.93 -24.80
CA GLU A 446 -2.48 -4.70 -25.51
C GLU A 446 -3.01 -3.30 -25.38
N LYS A 447 -2.75 -2.69 -24.24
CA LYS A 447 -3.30 -1.35 -23.99
C LYS A 447 -2.22 -0.27 -23.95
N ASP A 448 -0.97 -0.65 -23.98
CA ASP A 448 0.14 0.31 -23.97
C ASP A 448 0.15 1.16 -22.70
N VAL A 449 -0.22 0.52 -21.59
CA VAL A 449 -0.12 1.22 -20.31
C VAL A 449 1.33 1.38 -19.95
N ASN A 450 1.72 2.57 -19.48
CA ASN A 450 3.13 2.87 -19.19
C ASN A 450 3.53 2.38 -17.79
N VAL A 451 3.58 1.06 -17.68
CA VAL A 451 4.05 0.41 -16.43
C VAL A 451 5.49 0.08 -16.58
N LYS A 452 6.38 0.46 -15.65
CA LYS A 452 7.81 0.25 -15.80
C LYS A 452 8.49 -0.56 -14.71
N GLY A 453 7.66 -1.07 -13.77
CA GLY A 453 8.24 -1.98 -12.81
C GLY A 453 7.12 -2.64 -11.98
N TYR A 454 7.57 -3.65 -11.22
CA TYR A 454 6.71 -4.48 -10.41
C TYR A 454 7.48 -4.93 -9.17
N LEU A 455 6.90 -4.64 -8.02
CA LEU A 455 7.50 -4.96 -6.72
C LEU A 455 6.50 -5.79 -5.95
N ALA A 456 6.82 -7.06 -5.77
CA ALA A 456 5.92 -7.97 -5.05
C ALA A 456 5.98 -7.72 -3.54
N TRP A 457 4.83 -7.83 -2.88
CA TRP A 457 4.73 -7.80 -1.45
C TRP A 457 4.90 -9.27 -1.01
N ALA A 458 5.78 -9.62 -0.10
CA ALA A 458 6.80 -8.89 0.54
C ALA A 458 8.14 -9.56 0.41
N LEU A 459 9.23 -8.89 0.60
CA LEU A 459 10.54 -9.49 0.59
C LEU A 459 10.58 -10.72 1.47
N GLY A 460 10.10 -10.58 2.68
CA GLY A 460 10.16 -11.62 3.68
C GLY A 460 8.95 -11.54 4.55
N ASP A 461 8.79 -12.58 5.38
CA ASP A 461 7.77 -12.59 6.39
C ASP A 461 8.01 -11.43 7.38
N ASN A 462 6.93 -10.88 7.87
CA ASN A 462 7.06 -9.63 8.66
C ASN A 462 5.86 -9.57 9.57
N TYR A 463 5.79 -8.46 10.31
CA TYR A 463 4.57 -8.15 11.09
C TYR A 463 3.55 -7.67 10.09
N GLU A 464 2.42 -8.31 9.96
CA GLU A 464 1.37 -7.90 9.07
C GLU A 464 0.39 -7.02 9.85
N PHE A 465 0.15 -5.79 9.36
CA PHE A 465 -0.81 -4.92 10.01
C PHE A 465 -2.09 -5.73 10.23
N ASN A 466 -2.65 -5.61 11.42
CA ASN A 466 -3.91 -6.20 11.80
C ASN A 466 -3.84 -7.70 12.04
N LYS A 467 -2.80 -8.40 11.66
CA LYS A 467 -2.74 -9.85 11.78
C LYS A 467 -1.59 -10.32 12.58
N GLY A 468 -0.70 -9.49 13.04
CA GLY A 468 0.44 -10.00 13.78
C GLY A 468 1.30 -10.85 12.91
N PHE A 469 1.67 -12.02 13.46
CA PHE A 469 2.45 -13.01 12.82
C PHE A 469 1.58 -14.19 12.46
N THR A 470 0.25 -13.99 12.40
CA THR A 470 -0.67 -15.10 12.11
C THR A 470 -0.82 -15.41 10.67
N VAL A 471 -0.26 -14.57 9.78
CA VAL A 471 -0.18 -14.79 8.36
C VAL A 471 1.24 -14.48 7.90
N ARG A 472 1.65 -15.00 6.78
CA ARG A 472 2.96 -14.73 6.19
C ARG A 472 2.77 -14.25 4.78
N PHE A 473 3.48 -13.20 4.35
CA PHE A 473 3.43 -12.65 3.01
C PHE A 473 4.75 -12.77 2.28
N GLY A 474 5.81 -13.26 2.91
CA GLY A 474 7.10 -13.18 2.28
C GLY A 474 7.32 -14.12 1.14
N LEU A 475 8.21 -13.72 0.23
CA LEU A 475 8.77 -14.63 -0.75
C LEU A 475 9.95 -15.34 -0.10
N SER A 476 10.42 -14.91 1.06
CA SER A 476 11.41 -15.57 1.87
C SER A 476 10.84 -15.74 3.26
N TYR A 477 11.19 -16.90 3.86
CA TYR A 477 10.70 -17.32 5.17
C TYR A 477 11.61 -16.88 6.28
N ILE A 478 10.95 -16.44 7.36
CA ILE A 478 11.68 -16.07 8.60
C ILE A 478 11.09 -16.88 9.74
N ASP A 479 12.00 -17.48 10.49
CA ASP A 479 11.68 -18.22 11.70
C ASP A 479 11.52 -17.24 12.85
N TRP A 480 10.37 -17.13 13.48
CA TRP A 480 10.16 -16.19 14.53
C TRP A 480 10.93 -16.52 15.80
N ASN A 481 11.46 -17.73 15.90
CA ASN A 481 12.30 -18.07 17.03
C ASN A 481 13.73 -17.70 16.82
N ASN A 482 14.11 -17.33 15.60
CA ASN A 482 15.47 -16.93 15.26
C ASN A 482 15.45 -16.25 13.92
N VAL A 483 15.22 -14.94 13.98
CA VAL A 483 14.90 -14.17 12.78
C VAL A 483 16.03 -13.84 11.87
N THR A 484 17.27 -14.22 12.10
CA THR A 484 18.40 -13.83 11.30
C THR A 484 18.22 -14.15 9.84
N ASP A 485 17.95 -15.41 9.51
CA ASP A 485 17.87 -15.85 8.13
C ASP A 485 16.56 -15.47 7.45
N ARG A 486 16.68 -15.22 6.15
CA ARG A 486 15.52 -15.08 5.25
C ARG A 486 15.79 -16.15 4.16
N ASP A 487 14.95 -17.17 4.18
CA ASP A 487 15.22 -18.28 3.28
C ASP A 487 14.23 -18.26 2.14
N LEU A 488 14.66 -18.25 0.89
CA LEU A 488 13.73 -18.20 -0.23
C LEU A 488 12.77 -19.35 -0.19
N LYS A 489 11.49 -19.11 -0.28
CA LYS A 489 10.46 -20.09 -0.36
C LYS A 489 10.42 -20.62 -1.80
N LYS A 490 9.52 -21.56 -2.10
CA LYS A 490 9.27 -21.95 -3.48
C LYS A 490 8.95 -20.72 -4.34
N SER A 491 8.18 -19.78 -3.80
CA SER A 491 7.89 -18.57 -4.59
C SER A 491 9.12 -17.75 -4.82
N GLY A 492 9.99 -17.55 -3.80
CA GLY A 492 11.20 -16.81 -4.07
C GLY A 492 12.06 -17.47 -5.09
N GLN A 493 12.16 -18.81 -5.02
CA GLN A 493 12.93 -19.57 -6.00
C GLN A 493 12.36 -19.44 -7.38
N TRP A 494 11.05 -19.52 -7.52
CA TRP A 494 10.38 -19.30 -8.77
C TRP A 494 10.66 -17.88 -9.30
N TYR A 495 10.56 -16.88 -8.42
CA TYR A 495 10.76 -15.50 -8.87
C TYR A 495 12.16 -15.28 -9.30
N GLN A 496 13.11 -15.93 -8.64
CA GLN A 496 14.51 -15.89 -9.11
C GLN A 496 14.61 -16.38 -10.56
N SER A 497 13.92 -17.51 -10.87
CA SER A 497 14.03 -18.04 -12.23
C SER A 497 13.27 -17.17 -13.21
N PHE A 498 12.11 -16.61 -12.78
CA PHE A 498 11.39 -15.66 -13.61
C PHE A 498 12.25 -14.46 -13.96
N ILE A 499 12.97 -13.95 -12.99
CA ILE A 499 13.79 -12.77 -13.24
C ILE A 499 14.97 -13.11 -14.13
N SER A 500 15.59 -14.29 -13.91
CA SER A 500 16.79 -14.68 -14.70
C SER A 500 16.62 -16.13 -15.21
N PRO A 501 15.79 -16.12 -16.32
CA PRO A 501 15.29 -17.42 -16.85
C PRO A 501 16.38 -18.20 -17.56
#